data_4BDS
#
_entry.id   4BDS
#
_cell.length_a   155.660
_cell.length_b   155.660
_cell.length_c   127.880
_cell.angle_alpha   90.00
_cell.angle_beta   90.00
_cell.angle_gamma   90.00
#
_symmetry.space_group_name_H-M   'I 4 2 2'
#
loop_
_entity.id
_entity.type
_entity.pdbx_description
1 polymer CHOLINESTERASE
2 branched 2-acetamido-2-deoxy-beta-D-glucopyranose-(1-4)-[beta-L-fucopyranose-(1-6)]2-acetamido-2-deoxy-beta-D-glucopyranose
3 non-polymer 2-acetamido-2-deoxy-beta-D-glucopyranose
4 non-polymer alpha-L-fucopyranose
5 non-polymer TACRINE
6 non-polymer GLYCEROL
7 non-polymer 'SULFATE ION'
8 non-polymer 'CHLORIDE ION'
9 non-polymer 1-formyl-L-proline
10 non-polymer 'UNKNOWN ATOM OR ION'
11 water water
#
_entity_poly.entity_id   1
_entity_poly.type   'polypeptide(L)'
_entity_poly.pdbx_seq_one_letter_code
;EDDIIIATKNGKVRGMQLTVFGGTVTAFLGIPYAQPPLGRLRFKKPQSLTKWSDIWNATKYANSCCQNIDQSFPGFHGSE
MWNPNTDLSEDCLYLNVWIPAPKPKNATVLIWIYGGGFQTGTSSLHVYDGKFLARVERVIVVSMNYRVGALGFLALPGNP
EAPGNMGLFDQQLALQWVQKNIAAFGGNPKSVTLFGESAGAASVSLHLLSPGSHSLFTRAILQSGSFNAPWAVTSLYEAR
NRTLNLAKLTGCSRENETEIIKCLRNKDPQEILLNEAFVVPYGTPLSVNFGPTVDGDFLTDMPDILLELGQFKKTQILVG
VNKDEGTAFLVYGAPGFSKDNNSIITRKEFQEGLKIFFPGVSEFGKESILFHYTDWVDDQRPENYREALGDVVGDYNFIC
PALEFTKKFSEWGNNAFFYYFEHRSSKLPWPEWMGVMHGYEIEFVFGLPLERRDQYTKAEEILSRSIVKRWANFAKYGNP
QETQNQSTSWPVFKSTEQKYLTLNTESTRIMTKLRAQQCRFWTSFFPKV
;
_entity_poly.pdbx_strand_id   A
#
loop_
_chem_comp.id
_chem_comp.type
_chem_comp.name
_chem_comp.formula
CL non-polymer 'CHLORIDE ION' 'Cl -1'
FUC L-saccharide, alpha linking alpha-L-fucopyranose 'C6 H12 O5'
FUL L-saccharide, beta linking beta-L-fucopyranose 'C6 H12 O5'
GOL non-polymer GLYCEROL 'C3 H8 O3'
NAG D-saccharide, beta linking 2-acetamido-2-deoxy-beta-D-glucopyranose 'C8 H15 N O6'
SO4 non-polymer 'SULFATE ION' 'O4 S -2'
THA non-polymer TACRINE 'C13 H14 N2'
UNX non-polymer 'UNKNOWN ATOM OR ION' ?
#
# COMPACT_ATOMS: atom_id res chain seq x y z
N ILE A 4 29.56 13.34 3.13
CA ILE A 4 28.67 13.45 4.29
C ILE A 4 28.48 12.12 5.01
N ILE A 5 28.84 12.11 6.29
CA ILE A 5 28.89 10.87 7.08
C ILE A 5 28.11 11.05 8.37
N ILE A 6 27.21 10.11 8.65
CA ILE A 6 26.36 10.20 9.84
C ILE A 6 26.58 9.01 10.75
N ALA A 7 26.85 9.29 12.03
CA ALA A 7 26.98 8.24 13.03
C ALA A 7 25.61 7.72 13.48
N THR A 8 25.38 6.42 13.31
CA THR A 8 24.17 5.77 13.84
C THR A 8 24.53 4.84 15.00
N LYS A 9 23.52 4.24 15.61
CA LYS A 9 23.72 3.34 16.76
C LYS A 9 24.59 2.12 16.42
N ASN A 10 24.48 1.62 15.19
CA ASN A 10 25.19 0.41 14.78
C ASN A 10 26.43 0.69 13.93
N GLY A 11 26.69 1.97 13.67
CA GLY A 11 27.89 2.35 12.95
C GLY A 11 27.69 3.55 12.05
N LYS A 12 28.78 3.95 11.39
CA LYS A 12 28.76 5.09 10.47
C LYS A 12 28.19 4.74 9.10
N VAL A 13 27.42 5.67 8.54
CA VAL A 13 26.95 5.52 7.17
C VAL A 13 27.34 6.75 6.33
N ARG A 14 27.74 6.51 5.08
CA ARG A 14 28.03 7.59 4.13
C ARG A 14 26.92 7.70 3.07
N GLY A 15 26.46 8.92 2.81
CA GLY A 15 25.45 9.16 1.80
C GLY A 15 26.00 9.80 0.54
N MET A 16 25.11 10.38 -0.27
CA MET A 16 25.50 11.03 -1.51
C MET A 16 24.65 12.29 -1.74
N GLN A 17 25.24 13.28 -2.40
CA GLN A 17 24.54 14.54 -2.69
C GLN A 17 23.81 14.46 -4.02
N LEU A 18 22.59 14.97 -4.05
CA LEU A 18 21.80 15.01 -5.28
C LEU A 18 21.46 16.45 -5.60
N THR A 19 21.37 16.76 -6.89
CA THR A 19 20.94 18.09 -7.32
C THR A 19 19.45 18.05 -7.64
N VAL A 20 18.66 18.93 -7.02
CA VAL A 20 17.21 18.91 -7.18
C VAL A 20 16.68 20.34 -7.18
N PHE A 21 16.13 20.77 -8.30
CA PHE A 21 15.54 22.10 -8.44
C PHE A 21 16.49 23.23 -8.01
N GLY A 22 17.73 23.18 -8.49
CA GLY A 22 18.69 24.23 -8.18
C GLY A 22 19.11 24.24 -6.72
N GLY A 23 18.84 23.13 -6.03
CA GLY A 23 19.23 22.98 -4.64
C GLY A 23 19.87 21.62 -4.44
N THR A 24 20.01 21.21 -3.18
CA THR A 24 20.66 19.93 -2.86
C THR A 24 19.85 19.09 -1.88
N VAL A 25 19.76 17.79 -2.15
CA VAL A 25 19.20 16.81 -1.23
C VAL A 25 20.27 15.74 -0.93
N THR A 26 20.37 15.32 0.33
CA THR A 26 21.30 14.26 0.70
C THR A 26 20.56 12.93 0.83
N ALA A 27 21.04 11.92 0.10
CA ALA A 27 20.35 10.62 0.07
C ALA A 27 21.22 9.52 0.64
N PHE A 28 20.62 8.72 1.51
CA PHE A 28 21.27 7.52 2.03
C PHE A 28 20.42 6.35 1.56
N LEU A 29 20.88 5.67 0.52
CA LEU A 29 20.14 4.57 -0.09
C LEU A 29 20.73 3.22 0.35
N GLY A 30 19.90 2.34 0.91
CA GLY A 30 20.33 0.99 1.25
C GLY A 30 20.99 0.81 2.61
N ILE A 31 20.45 1.43 3.65
CA ILE A 31 20.94 1.17 5.00
C ILE A 31 20.28 -0.11 5.56
N PRO A 32 21.09 -1.06 6.03
CA PRO A 32 20.48 -2.27 6.61
C PRO A 32 19.83 -1.95 7.95
N TYR A 33 18.73 -2.63 8.28
CA TYR A 33 18.06 -2.38 9.56
C TYR A 33 17.78 -3.69 10.32
N ALA A 34 18.22 -4.80 9.74
CA ALA A 34 18.06 -6.09 10.39
C ALA A 34 19.04 -7.12 9.86
N GLN A 35 19.16 -8.20 10.62
CA GLN A 35 19.93 -9.36 10.19
C GLN A 35 19.28 -9.91 8.92
N PRO A 36 20.07 -10.16 7.87
CA PRO A 36 19.53 -10.82 6.68
C PRO A 36 18.84 -12.12 7.10
N PRO A 37 17.57 -12.30 6.71
CA PRO A 37 16.78 -13.43 7.21
C PRO A 37 16.99 -14.68 6.34
N LEU A 38 18.20 -15.25 6.43
CA LEU A 38 18.63 -16.36 5.59
C LEU A 38 18.84 -17.64 6.41
N GLY A 39 18.86 -18.77 5.73
CA GLY A 39 19.12 -20.06 6.38
C GLY A 39 18.09 -20.36 7.45
N ARG A 40 18.57 -20.54 8.69
CA ARG A 40 17.68 -20.77 9.83
C ARG A 40 16.75 -19.58 10.12
N LEU A 41 17.10 -18.40 9.62
CA LEU A 41 16.30 -17.19 9.89
C LEU A 41 15.12 -17.00 8.93
N ARG A 42 15.07 -17.79 7.86
CA ARG A 42 13.97 -17.68 6.90
C ARG A 42 12.64 -18.03 7.56
N PHE A 43 11.61 -17.20 7.34
CA PHE A 43 10.27 -17.35 7.96
C PHE A 43 10.17 -16.84 9.40
N LYS A 44 11.28 -16.49 10.03
CA LYS A 44 11.23 -15.95 11.39
C LYS A 44 11.10 -14.43 11.41
N LYS A 45 10.64 -13.91 12.55
CA LYS A 45 10.67 -12.47 12.79
C LYS A 45 12.09 -11.95 12.53
N PRO A 46 12.19 -10.68 12.12
CA PRO A 46 13.51 -10.09 11.85
C PRO A 46 14.31 -9.99 13.13
N GLN A 47 15.59 -10.34 13.08
CA GLN A 47 16.46 -10.30 14.24
C GLN A 47 17.24 -8.99 14.23
N SER A 48 17.55 -8.48 15.43
CA SER A 48 18.26 -7.21 15.56
C SER A 48 19.64 -7.24 14.92
N LEU A 49 20.13 -6.06 14.58
CA LEU A 49 21.37 -5.95 13.82
C LEU A 49 22.60 -6.01 14.71
N THR A 50 23.73 -6.34 14.08
CA THR A 50 25.01 -6.46 14.73
C THR A 50 25.49 -5.13 15.30
N LYS A 51 26.59 -4.66 14.73
CA LYS A 51 27.23 -3.37 15.03
C LYS A 51 28.54 -3.39 14.21
N TRP A 52 28.72 -2.41 13.32
CA TRP A 52 29.91 -2.38 12.48
C TRP A 52 30.84 -1.21 12.80
N SER A 53 32.13 -1.40 12.56
CA SER A 53 33.17 -0.48 13.01
C SER A 53 33.65 0.45 11.90
N ASP A 54 33.42 0.05 10.66
CA ASP A 54 33.82 0.86 9.51
C ASP A 54 32.67 1.73 9.03
N ILE A 55 32.83 2.29 7.82
CA ILE A 55 31.81 3.16 7.23
C ILE A 55 30.98 2.41 6.21
N TRP A 56 29.66 2.39 6.43
CA TRP A 56 28.75 1.74 5.49
C TRP A 56 28.40 2.67 4.34
N ASN A 57 28.70 2.23 3.12
CA ASN A 57 28.33 3.00 1.94
C ASN A 57 26.85 2.85 1.60
N ALA A 58 26.10 3.92 1.78
CA ALA A 58 24.67 3.94 1.44
C ALA A 58 24.43 4.82 0.23
N THR A 59 24.95 4.40 -0.92
CA THR A 59 24.98 5.23 -2.12
C THR A 59 24.29 4.58 -3.32
N LYS A 60 23.48 3.55 -3.05
CA LYS A 60 22.72 2.86 -4.10
C LYS A 60 21.59 2.05 -3.47
N TYR A 61 20.48 1.93 -4.18
CA TYR A 61 19.35 1.12 -3.72
C TYR A 61 19.83 -0.33 -3.47
N ALA A 62 19.28 -0.99 -2.46
CA ALA A 62 19.69 -2.36 -2.13
C ALA A 62 18.82 -3.37 -2.87
N ASN A 63 19.11 -4.66 -2.74
CA ASN A 63 18.25 -5.73 -3.28
C ASN A 63 16.77 -5.58 -2.89
N SER A 64 15.84 -5.95 -3.77
CA SER A 64 14.40 -6.00 -3.48
C SER A 64 14.12 -7.41 -2.95
N CYS A 65 13.07 -7.59 -2.14
CA CYS A 65 12.78 -8.93 -1.62
C CYS A 65 12.27 -9.89 -2.72
N CYS A 66 12.54 -11.19 -2.55
CA CYS A 66 12.10 -12.21 -3.52
C CYS A 66 10.61 -12.09 -3.81
N GLN A 67 10.24 -12.20 -5.07
CA GLN A 67 8.83 -12.06 -5.47
C GLN A 67 8.60 -12.49 -6.91
N ASN A 68 7.37 -12.91 -7.21
CA ASN A 68 6.98 -13.13 -8.59
C ASN A 68 6.82 -11.79 -9.32
N ILE A 69 7.03 -11.79 -10.62
CA ILE A 69 7.02 -10.57 -11.42
C ILE A 69 5.81 -10.59 -12.36
N ASP A 70 5.27 -9.42 -12.69
CA ASP A 70 4.19 -9.29 -13.67
C ASP A 70 4.74 -9.47 -15.09
N GLN A 71 4.36 -10.56 -15.78
CA GLN A 71 4.83 -10.84 -17.14
C GLN A 71 3.70 -10.76 -18.16
N SER A 72 2.57 -10.19 -17.75
CA SER A 72 1.40 -10.17 -18.62
C SER A 72 1.55 -9.27 -19.86
N PHE A 73 2.34 -8.21 -19.76
CA PHE A 73 2.55 -7.29 -20.89
C PHE A 73 4.01 -6.89 -21.09
N PRO A 74 4.87 -7.85 -21.50
CA PRO A 74 6.30 -7.55 -21.71
C PRO A 74 6.51 -6.35 -22.63
N GLY A 75 7.46 -5.46 -22.30
CA GLY A 75 7.74 -4.30 -23.12
C GLY A 75 6.83 -3.09 -22.88
N PHE A 76 5.82 -3.27 -22.02
CA PHE A 76 4.82 -2.23 -21.77
C PHE A 76 5.06 -1.50 -20.45
N HIS A 77 5.28 -0.18 -20.52
CA HIS A 77 5.61 0.61 -19.33
C HIS A 77 4.53 0.60 -18.26
N GLY A 78 3.28 0.42 -18.68
CA GLY A 78 2.16 0.50 -17.75
C GLY A 78 2.19 -0.57 -16.67
N SER A 79 2.66 -1.75 -17.04
CA SER A 79 2.80 -2.84 -16.08
C SER A 79 4.23 -2.93 -15.56
N GLU A 80 5.20 -2.73 -16.46
CA GLU A 80 6.60 -2.92 -16.09
C GLU A 80 7.12 -1.87 -15.08
N MET A 81 6.50 -0.70 -15.02
CA MET A 81 6.93 0.32 -14.05
C MET A 81 6.77 -0.13 -12.58
N TRP A 82 5.95 -1.15 -12.34
CA TRP A 82 5.69 -1.66 -10.99
C TRP A 82 6.60 -2.85 -10.63
N ASN A 83 7.21 -3.46 -11.64
CA ASN A 83 8.16 -4.55 -11.43
C ASN A 83 9.45 -4.05 -10.74
N PRO A 84 10.09 -4.92 -9.94
CA PRO A 84 11.32 -4.56 -9.21
C PRO A 84 12.41 -4.00 -10.15
N ASN A 85 13.11 -2.94 -9.73
CA ASN A 85 14.17 -2.37 -10.54
C ASN A 85 15.56 -2.61 -9.94
N THR A 86 15.65 -3.66 -9.14
CA THR A 86 16.88 -3.93 -8.40
C THR A 86 16.92 -5.46 -8.22
N ASP A 87 18.10 -6.07 -8.14
CA ASP A 87 18.22 -7.53 -7.92
C ASP A 87 17.30 -8.05 -6.81
N LEU A 88 16.72 -9.24 -7.03
CA LEU A 88 15.92 -9.93 -6.03
C LEU A 88 16.82 -10.75 -5.12
N SER A 89 16.53 -10.79 -3.83
CA SER A 89 17.36 -11.57 -2.90
C SER A 89 16.64 -11.72 -1.58
N GLU A 90 16.91 -12.78 -0.83
CA GLU A 90 16.33 -12.87 0.52
C GLU A 90 17.03 -11.83 1.42
N ASP A 91 18.22 -11.42 1.00
CA ASP A 91 18.98 -10.41 1.72
C ASP A 91 18.43 -9.05 1.27
N CYS A 92 17.30 -8.65 1.84
CA CYS A 92 16.61 -7.47 1.34
C CYS A 92 16.09 -6.51 2.43
N LEU A 93 16.52 -6.71 3.68
CA LEU A 93 15.99 -5.88 4.77
C LEU A 93 16.81 -4.58 4.89
N TYR A 94 16.43 -3.59 4.08
CA TYR A 94 17.17 -2.34 3.97
C TYR A 94 16.17 -1.20 3.87
N LEU A 95 16.62 0.01 4.23
CA LEU A 95 15.79 1.21 4.15
C LEU A 95 16.56 2.38 3.52
N ASN A 96 15.83 3.41 3.15
CA ASN A 96 16.37 4.60 2.47
C ASN A 96 15.99 5.86 3.23
N VAL A 97 16.86 6.88 3.19
CA VAL A 97 16.58 8.14 3.87
C VAL A 97 16.94 9.33 2.97
N TRP A 98 15.99 10.24 2.77
CA TRP A 98 16.28 11.48 2.05
C TRP A 98 16.16 12.64 3.01
N ILE A 99 17.14 13.55 2.95
CA ILE A 99 17.24 14.64 3.90
C ILE A 99 17.54 15.95 3.16
N PRO A 100 16.89 17.04 3.61
CA PRO A 100 17.13 18.37 3.02
C PRO A 100 18.56 18.80 3.24
N ALA A 101 19.11 19.58 2.32
CA ALA A 101 20.36 20.30 2.53
C ALA A 101 20.04 21.79 2.47
N PRO A 102 20.52 22.57 3.45
CA PRO A 102 21.33 22.15 4.59
C PRO A 102 20.55 21.26 5.56
N LYS A 103 21.27 20.41 6.28
CA LYS A 103 20.71 19.51 7.28
C LYS A 103 19.72 20.24 8.16
N PRO A 104 18.50 19.72 8.29
CA PRO A 104 17.46 20.38 9.10
C PRO A 104 17.76 20.18 10.58
N LYS A 105 17.03 20.85 11.46
CA LYS A 105 17.28 20.71 12.89
C LYS A 105 16.33 19.75 13.61
N ASN A 106 15.05 19.79 13.26
CA ASN A 106 14.07 18.92 13.92
C ASN A 106 12.92 18.65 12.95
N ALA A 107 13.25 18.13 11.77
CA ALA A 107 12.29 17.96 10.69
C ALA A 107 11.28 16.83 10.93
N THR A 108 10.03 17.09 10.56
CA THR A 108 8.99 16.05 10.51
C THR A 108 9.41 14.94 9.54
N VAL A 109 9.06 13.69 9.88
CA VAL A 109 9.48 12.54 9.08
C VAL A 109 8.30 11.83 8.43
N LEU A 110 8.43 11.55 7.14
N LEU A 110 8.42 11.54 7.14
CA LEU A 110 7.42 10.79 6.40
CA LEU A 110 7.42 10.78 6.41
C LEU A 110 7.96 9.40 6.07
C LEU A 110 7.95 9.40 6.07
N ILE A 111 7.26 8.35 6.51
CA ILE A 111 7.69 6.98 6.26
C ILE A 111 6.77 6.25 5.27
N TRP A 112 7.28 5.93 4.08
CA TRP A 112 6.51 5.28 3.01
C TRP A 112 6.51 3.76 3.11
N ILE A 113 5.32 3.15 2.96
CA ILE A 113 5.19 1.70 2.89
C ILE A 113 4.50 1.32 1.58
N TYR A 114 5.23 0.69 0.65
CA TYR A 114 4.67 0.37 -0.68
C TYR A 114 3.60 -0.70 -0.64
N GLY A 115 2.75 -0.71 -1.67
CA GLY A 115 1.75 -1.75 -1.82
C GLY A 115 2.19 -2.81 -2.85
N GLY A 116 1.27 -3.67 -3.26
CA GLY A 116 1.61 -4.78 -4.13
C GLY A 116 0.96 -6.07 -3.66
N GLY A 117 -0.19 -5.95 -3.01
CA GLY A 117 -0.97 -7.11 -2.60
C GLY A 117 -0.27 -8.00 -1.58
N PHE A 118 0.73 -7.47 -0.87
CA PHE A 118 1.56 -8.26 0.03
C PHE A 118 2.30 -9.40 -0.69
N GLN A 119 2.35 -9.38 -2.03
CA GLN A 119 3.09 -10.41 -2.76
C GLN A 119 4.25 -9.84 -3.57
N THR A 120 4.22 -8.53 -3.83
CA THR A 120 5.23 -7.87 -4.67
C THR A 120 5.55 -6.49 -4.09
N GLY A 121 6.45 -5.76 -4.78
CA GLY A 121 6.73 -4.39 -4.43
C GLY A 121 8.17 -4.16 -3.98
N THR A 122 8.63 -2.91 -4.06
CA THR A 122 9.95 -2.55 -3.58
C THR A 122 10.02 -1.03 -3.37
N SER A 123 10.86 -0.56 -2.46
CA SER A 123 10.89 0.87 -2.15
C SER A 123 11.73 1.67 -3.16
N SER A 124 12.36 0.99 -4.12
CA SER A 124 13.28 1.66 -5.04
C SER A 124 12.63 2.13 -6.35
N LEU A 125 11.32 1.93 -6.51
CA LEU A 125 10.63 2.37 -7.72
C LEU A 125 10.74 3.89 -7.90
N HIS A 126 10.79 4.31 -9.16
CA HIS A 126 10.89 5.71 -9.56
C HIS A 126 9.77 6.56 -8.94
N VAL A 127 8.56 6.01 -8.91
CA VAL A 127 7.41 6.73 -8.36
C VAL A 127 7.41 6.90 -6.84
N TYR A 128 8.38 6.27 -6.16
CA TYR A 128 8.53 6.40 -4.70
C TYR A 128 9.78 7.20 -4.31
N ASP A 129 10.38 7.91 -5.26
CA ASP A 129 11.60 8.68 -5.01
C ASP A 129 11.35 9.88 -4.08
N GLY A 130 11.85 9.80 -2.85
CA GLY A 130 11.54 10.84 -1.85
C GLY A 130 12.31 12.15 -1.96
N LYS A 131 13.18 12.27 -2.97
CA LYS A 131 14.04 13.44 -3.07
C LYS A 131 13.27 14.76 -3.32
N PHE A 132 12.13 14.68 -4.00
CA PHE A 132 11.35 15.89 -4.27
C PHE A 132 10.67 16.43 -3.01
N LEU A 133 10.06 15.54 -2.22
CA LEU A 133 9.44 15.93 -0.96
C LEU A 133 10.45 16.59 -0.03
N ALA A 134 11.63 16.00 0.06
CA ALA A 134 12.71 16.53 0.90
C ALA A 134 13.14 17.92 0.43
N ARG A 135 13.26 18.08 -0.89
CA ARG A 135 13.68 19.36 -1.47
C ARG A 135 12.62 20.46 -1.31
N VAL A 136 11.38 20.13 -1.62
CA VAL A 136 10.31 21.13 -1.70
C VAL A 136 9.71 21.48 -0.33
N GLU A 137 9.46 20.48 0.51
CA GLU A 137 8.81 20.72 1.81
C GLU A 137 9.74 20.64 3.02
N ARG A 138 11.00 20.30 2.79
CA ARG A 138 11.98 20.14 3.87
C ARG A 138 11.54 19.14 4.93
N VAL A 139 10.90 18.07 4.51
CA VAL A 139 10.65 16.97 5.43
C VAL A 139 11.70 15.91 5.15
N ILE A 140 11.85 14.96 6.07
CA ILE A 140 12.69 13.80 5.82
C ILE A 140 11.81 12.65 5.34
N VAL A 141 12.24 11.94 4.30
CA VAL A 141 11.47 10.82 3.77
C VAL A 141 12.23 9.51 4.01
N VAL A 142 11.54 8.53 4.58
CA VAL A 142 12.12 7.21 4.81
C VAL A 142 11.26 6.18 4.09
N SER A 143 11.89 5.19 3.47
CA SER A 143 11.16 4.03 2.94
C SER A 143 11.97 2.76 3.20
N MET A 144 11.29 1.62 3.32
CA MET A 144 11.95 0.35 3.63
C MET A 144 11.46 -0.80 2.76
N ASN A 145 12.33 -1.79 2.50
CA ASN A 145 11.87 -3.05 1.92
C ASN A 145 11.43 -4.01 3.03
N TYR A 146 10.27 -4.66 2.83
CA TYR A 146 9.79 -5.69 3.75
C TYR A 146 9.50 -6.98 2.97
N ARG A 147 9.65 -8.14 3.61
CA ARG A 147 9.39 -9.43 2.97
C ARG A 147 7.93 -9.58 2.52
N VAL A 148 7.74 -10.19 1.35
CA VAL A 148 6.40 -10.36 0.78
C VAL A 148 6.21 -11.84 0.38
N GLY A 149 4.99 -12.22 0.02
CA GLY A 149 4.72 -13.61 -0.35
C GLY A 149 4.83 -14.54 0.83
N ALA A 150 5.01 -15.83 0.56
CA ALA A 150 5.16 -16.82 1.62
C ALA A 150 6.35 -16.49 2.51
N LEU A 151 7.42 -15.94 1.92
CA LEU A 151 8.62 -15.63 2.69
C LEU A 151 8.34 -14.59 3.76
N GLY A 152 7.30 -13.77 3.55
CA GLY A 152 6.95 -12.73 4.50
C GLY A 152 5.69 -12.99 5.31
N PHE A 153 4.86 -13.92 4.85
CA PHE A 153 3.57 -14.10 5.50
C PHE A 153 3.11 -15.54 5.77
N LEU A 154 3.97 -16.51 5.47
CA LEU A 154 3.72 -17.91 5.84
C LEU A 154 3.35 -18.00 7.31
N ALA A 155 2.25 -18.71 7.60
CA ALA A 155 1.74 -18.78 8.97
C ALA A 155 1.50 -20.20 9.47
N LEU A 156 2.08 -20.49 10.64
CA LEU A 156 1.67 -21.59 11.49
C LEU A 156 1.45 -20.99 12.88
N PRO A 157 0.20 -20.57 13.17
CA PRO A 157 -0.12 -19.76 14.36
C PRO A 157 0.45 -20.33 15.65
N GLY A 158 1.26 -19.54 16.36
CA GLY A 158 1.84 -19.93 17.64
C GLY A 158 3.26 -20.48 17.56
N ASN A 159 3.68 -20.83 16.36
CA ASN A 159 4.99 -21.42 16.13
C ASN A 159 6.00 -20.37 15.68
N PRO A 160 7.01 -20.08 16.53
CA PRO A 160 7.95 -19.01 16.20
C PRO A 160 8.88 -19.32 15.02
N GLU A 161 8.80 -20.54 14.49
CA GLU A 161 9.55 -20.89 13.27
C GLU A 161 8.85 -20.34 12.03
N ALA A 162 7.56 -20.04 12.17
CA ALA A 162 6.77 -19.43 11.09
C ALA A 162 5.45 -18.91 11.64
N PRO A 163 5.52 -17.81 12.42
CA PRO A 163 4.35 -17.37 13.20
C PRO A 163 3.37 -16.53 12.40
N GLY A 164 3.75 -16.16 11.17
CA GLY A 164 2.96 -15.24 10.38
C GLY A 164 3.34 -13.79 10.59
N ASN A 165 2.88 -12.92 9.69
CA ASN A 165 3.07 -11.47 9.83
C ASN A 165 4.52 -10.96 9.81
N MET A 166 5.46 -11.79 9.34
CA MET A 166 6.85 -11.37 9.33
C MET A 166 7.11 -10.06 8.56
N GLY A 167 6.49 -9.91 7.40
CA GLY A 167 6.66 -8.68 6.63
C GLY A 167 6.18 -7.46 7.40
N LEU A 168 5.15 -7.64 8.23
CA LEU A 168 4.68 -6.54 9.07
C LEU A 168 5.67 -6.26 10.20
N PHE A 169 6.29 -7.30 10.74
CA PHE A 169 7.32 -7.10 11.75
C PHE A 169 8.59 -6.45 11.15
N ASP A 170 8.87 -6.72 9.88
CA ASP A 170 9.95 -6.03 9.16
C ASP A 170 9.67 -4.51 9.17
N GLN A 171 8.48 -4.13 8.72
CA GLN A 171 8.04 -2.74 8.78
C GLN A 171 8.21 -2.16 10.19
N GLN A 172 7.83 -2.90 11.22
CA GLN A 172 7.86 -2.34 12.57
C GLN A 172 9.31 -2.10 13.01
N LEU A 173 10.18 -3.02 12.64
CA LEU A 173 11.58 -2.88 13.05
C LEU A 173 12.19 -1.64 12.41
N ALA A 174 11.79 -1.33 11.17
CA ALA A 174 12.24 -0.11 10.51
C ALA A 174 11.73 1.15 11.21
N LEU A 175 10.48 1.14 11.68
CA LEU A 175 9.94 2.27 12.45
C LEU A 175 10.75 2.49 13.72
N GLN A 176 11.19 1.39 14.31
CA GLN A 176 12.02 1.44 15.50
C GLN A 176 13.39 2.03 15.16
N TRP A 177 13.90 1.69 13.97
CA TRP A 177 15.18 2.23 13.51
C TRP A 177 15.11 3.76 13.45
N VAL A 178 14.03 4.28 12.86
CA VAL A 178 13.79 5.71 12.84
C VAL A 178 13.68 6.33 14.25
N GLN A 179 12.95 5.67 15.16
CA GLN A 179 12.85 6.20 16.52
C GLN A 179 14.25 6.34 17.16
N LYS A 180 15.12 5.35 16.92
CA LYS A 180 16.43 5.35 17.55
C LYS A 180 17.51 6.20 16.84
N ASN A 181 17.36 6.39 15.54
CA ASN A 181 18.45 6.95 14.74
C ASN A 181 18.17 8.27 14.02
N ILE A 182 16.91 8.62 13.82
CA ILE A 182 16.59 9.74 12.93
C ILE A 182 17.03 11.12 13.43
N ALA A 183 17.15 11.31 14.75
CA ALA A 183 17.64 12.59 15.27
C ALA A 183 19.04 12.86 14.75
N ALA A 184 19.81 11.79 14.56
CA ALA A 184 21.20 11.94 14.13
C ALA A 184 21.26 12.54 12.73
N PHE A 185 20.17 12.37 11.99
CA PHE A 185 20.01 12.86 10.63
C PHE A 185 19.25 14.20 10.61
N GLY A 186 18.94 14.72 11.80
CA GLY A 186 18.21 15.96 11.92
C GLY A 186 16.69 15.82 11.92
N GLY A 187 16.19 14.61 12.17
CA GLY A 187 14.76 14.38 12.18
C GLY A 187 14.16 14.42 13.58
N ASN A 188 12.84 14.59 13.65
CA ASN A 188 12.10 14.57 14.91
C ASN A 188 11.35 13.24 15.11
N PRO A 189 11.86 12.38 16.00
CA PRO A 189 11.20 11.09 16.25
C PRO A 189 9.78 11.25 16.83
N LYS A 190 9.47 12.44 17.35
CA LYS A 190 8.14 12.72 17.89
C LYS A 190 7.16 13.25 16.83
N SER A 191 7.61 13.34 15.58
CA SER A 191 6.74 13.83 14.52
C SER A 191 6.93 12.99 13.27
N VAL A 192 6.42 11.76 13.34
CA VAL A 192 6.53 10.78 12.26
C VAL A 192 5.14 10.45 11.72
N THR A 193 4.96 10.58 10.41
CA THR A 193 3.70 10.21 9.76
C THR A 193 3.94 9.03 8.83
N LEU A 194 3.21 7.93 9.00
CA LEU A 194 3.31 6.79 8.08
C LEU A 194 2.43 7.11 6.89
N PHE A 195 2.91 6.81 5.68
CA PHE A 195 2.02 6.81 4.53
C PHE A 195 2.27 5.63 3.59
N GLY A 196 1.22 5.21 2.87
CA GLY A 196 1.30 4.03 2.02
C GLY A 196 0.09 3.91 1.11
N GLU A 197 0.19 3.03 0.12
CA GLU A 197 -0.85 2.88 -0.90
C GLU A 197 -1.20 1.41 -1.10
N SER A 198 -2.48 1.14 -1.33
N SER A 198 -2.47 1.14 -1.34
CA SER A 198 -2.94 -0.23 -1.53
CA SER A 198 -2.98 -0.23 -1.49
C SER A 198 -2.56 -1.10 -0.33
C SER A 198 -2.57 -1.11 -0.30
N ALA A 199 -1.81 -2.18 -0.54
CA ALA A 199 -1.42 -3.05 0.58
C ALA A 199 -0.53 -2.32 1.61
N GLY A 200 0.17 -1.29 1.16
CA GLY A 200 0.93 -0.44 2.07
C GLY A 200 -0.01 0.37 2.97
N ALA A 201 -1.12 0.83 2.40
CA ALA A 201 -2.12 1.52 3.21
C ALA A 201 -2.83 0.56 4.17
N ALA A 202 -3.09 -0.67 3.72
CA ALA A 202 -3.62 -1.69 4.63
C ALA A 202 -2.65 -1.89 5.79
N SER A 203 -1.35 -1.97 5.49
CA SER A 203 -0.30 -2.07 6.51
C SER A 203 -0.38 -0.87 7.47
N VAL A 204 -0.49 0.34 6.92
CA VAL A 204 -0.60 1.53 7.77
C VAL A 204 -1.79 1.38 8.75
N SER A 205 -2.93 0.94 8.25
CA SER A 205 -4.10 0.80 9.13
C SER A 205 -3.88 -0.24 10.23
N LEU A 206 -3.07 -1.26 9.92
CA LEU A 206 -2.79 -2.33 10.89
C LEU A 206 -1.81 -1.86 11.96
N HIS A 207 -0.87 -0.98 11.59
CA HIS A 207 -0.02 -0.33 12.58
C HIS A 207 -0.85 0.54 13.54
N LEU A 208 -1.96 1.10 13.07
CA LEU A 208 -2.88 1.81 13.96
C LEU A 208 -3.50 0.88 14.99
N LEU A 209 -3.58 -0.42 14.65
CA LEU A 209 -4.18 -1.39 15.57
C LEU A 209 -3.16 -2.14 16.44
N SER A 210 -1.90 -2.17 16.02
CA SER A 210 -0.91 -2.99 16.75
C SER A 210 -0.30 -2.24 17.93
N PRO A 211 -0.49 -2.76 19.16
CA PRO A 211 0.02 -2.04 20.32
C PRO A 211 1.54 -1.85 20.27
N GLY A 212 2.24 -2.79 19.64
CA GLY A 212 3.68 -2.67 19.45
C GLY A 212 4.12 -1.53 18.55
N SER A 213 3.22 -1.04 17.69
CA SER A 213 3.57 0.09 16.83
C SER A 213 3.12 1.46 17.39
N HIS A 214 2.35 1.48 18.47
CA HIS A 214 1.72 2.70 19.00
CA HIS A 214 1.73 2.72 18.91
C HIS A 214 2.69 3.84 19.25
N SER A 215 3.80 3.53 19.92
CA SER A 215 4.77 4.58 20.27
C SER A 215 5.70 4.93 19.11
N LEU A 216 5.54 4.26 17.97
CA LEU A 216 6.51 4.37 16.88
C LEU A 216 6.14 5.41 15.80
N PHE A 217 4.96 6.03 15.94
CA PHE A 217 4.56 7.04 14.95
C PHE A 217 3.50 7.98 15.51
N THR A 218 3.24 9.07 14.79
CA THR A 218 2.35 10.12 15.28
C THR A 218 0.99 10.10 14.57
N ARG A 219 1.02 10.05 13.24
CA ARG A 219 -0.19 10.20 12.42
C ARG A 219 -0.12 9.26 11.22
N ALA A 220 -1.22 9.13 10.47
CA ALA A 220 -1.24 8.16 9.37
C ALA A 220 -2.01 8.63 8.13
N ILE A 221 -1.53 8.20 6.97
CA ILE A 221 -2.16 8.51 5.68
C ILE A 221 -2.43 7.21 4.91
N LEU A 222 -3.66 7.02 4.44
CA LEU A 222 -4.05 5.76 3.78
C LEU A 222 -4.55 5.97 2.34
N GLN A 223 -3.70 5.69 1.36
CA GLN A 223 -4.07 5.87 -0.06
C GLN A 223 -4.59 4.58 -0.69
N SER A 224 -5.88 4.53 -1.06
CA SER A 224 -6.45 3.34 -1.73
C SER A 224 -6.25 2.00 -0.99
N GLY A 225 -6.48 1.97 0.31
CA GLY A 225 -6.40 0.69 1.02
C GLY A 225 -6.70 0.79 2.50
N SER A 226 -7.17 -0.31 3.10
CA SER A 226 -7.40 -0.38 4.53
C SER A 226 -7.55 -1.86 4.90
N PHE A 227 -7.32 -2.24 6.16
CA PHE A 227 -7.31 -3.67 6.49
C PHE A 227 -8.67 -4.35 6.29
N ASN A 228 -9.75 -3.57 6.35
CA ASN A 228 -11.09 -4.15 6.21
C ASN A 228 -11.44 -4.47 4.75
N ALA A 229 -10.52 -4.22 3.82
CA ALA A 229 -10.73 -4.61 2.44
C ALA A 229 -10.76 -6.14 2.38
N PRO A 230 -11.59 -6.72 1.49
CA PRO A 230 -11.75 -8.18 1.50
C PRO A 230 -10.47 -8.97 1.18
N TRP A 231 -9.49 -8.33 0.51
CA TRP A 231 -8.22 -9.03 0.17
C TRP A 231 -7.13 -8.90 1.24
N ALA A 232 -7.37 -8.10 2.28
CA ALA A 232 -6.28 -7.65 3.16
C ALA A 232 -5.88 -8.58 4.33
N VAL A 233 -6.82 -9.33 4.89
CA VAL A 233 -6.49 -10.21 6.01
C VAL A 233 -6.90 -11.65 5.70
N THR A 234 -5.97 -12.59 5.90
CA THR A 234 -6.24 -14.01 5.67
C THR A 234 -6.70 -14.67 6.98
N SER A 235 -7.74 -15.49 6.92
CA SER A 235 -8.24 -16.19 8.12
C SER A 235 -7.30 -17.32 8.57
N LEU A 236 -7.39 -17.72 9.82
CA LEU A 236 -6.56 -18.81 10.33
C LEU A 236 -6.79 -20.10 9.56
N TYR A 237 -8.04 -20.37 9.23
CA TYR A 237 -8.43 -21.51 8.41
C TYR A 237 -7.75 -21.48 7.04
N GLU A 238 -7.87 -20.37 6.32
CA GLU A 238 -7.26 -20.24 5.01
C GLU A 238 -5.74 -20.40 5.10
N ALA A 239 -5.13 -19.71 6.07
CA ALA A 239 -3.67 -19.73 6.21
C ALA A 239 -3.12 -21.14 6.44
N ARG A 240 -3.78 -21.93 7.29
CA ARG A 240 -3.37 -23.31 7.51
C ARG A 240 -3.45 -24.16 6.24
N ASN A 241 -4.60 -24.14 5.56
CA ASN A 241 -4.79 -24.89 4.31
C ASN A 241 -3.75 -24.50 3.26
N ARG A 242 -3.36 -23.22 3.24
CA ARG A 242 -2.39 -22.73 2.26
C ARG A 242 -0.95 -23.13 2.59
N THR A 243 -0.58 -23.05 3.87
CA THR A 243 0.72 -23.53 4.34
C THR A 243 0.89 -25.02 4.05
N LEU A 244 -0.13 -25.81 4.36
CA LEU A 244 -0.08 -27.25 4.12
C LEU A 244 -0.05 -27.57 2.63
N ASN A 245 -0.80 -26.80 1.85
CA ASN A 245 -0.80 -26.97 0.40
C ASN A 245 0.58 -26.68 -0.18
N LEU A 246 1.21 -25.59 0.29
CA LEU A 246 2.58 -25.27 -0.10
C LEU A 246 3.55 -26.41 0.23
N ALA A 247 3.45 -26.97 1.44
CA ALA A 247 4.28 -28.09 1.84
C ALA A 247 4.13 -29.28 0.91
N LYS A 248 2.88 -29.56 0.53
CA LYS A 248 2.62 -30.70 -0.34
C LYS A 248 3.27 -30.49 -1.71
N LEU A 249 3.03 -29.32 -2.29
CA LEU A 249 3.56 -28.99 -3.62
C LEU A 249 5.08 -29.04 -3.70
N THR A 250 5.74 -28.83 -2.56
CA THR A 250 7.20 -28.80 -2.51
C THR A 250 7.79 -30.09 -1.94
N GLY A 251 6.94 -31.05 -1.62
CA GLY A 251 7.38 -32.32 -1.06
C GLY A 251 7.82 -32.21 0.39
N CYS A 252 7.21 -31.29 1.12
CA CYS A 252 7.57 -31.03 2.51
C CYS A 252 6.49 -31.40 3.51
N SER A 253 5.46 -32.10 3.04
CA SER A 253 4.42 -32.60 3.93
C SER A 253 5.02 -33.51 5.00
N ARG A 254 4.92 -33.09 6.26
CA ARG A 254 5.40 -33.90 7.38
C ARG A 254 4.31 -33.94 8.46
N GLU A 255 4.62 -34.56 9.59
CA GLU A 255 3.69 -34.63 10.71
C GLU A 255 4.08 -33.68 11.87
N ASN A 256 5.38 -33.50 12.08
CA ASN A 256 5.86 -32.45 12.97
C ASN A 256 5.84 -31.15 12.17
N GLU A 257 4.96 -30.22 12.56
CA GLU A 257 4.81 -28.98 11.81
C GLU A 257 6.13 -28.22 11.73
N THR A 258 6.92 -28.32 12.78
CA THR A 258 8.24 -27.69 12.79
C THR A 258 9.14 -28.34 11.73
N GLU A 259 8.95 -29.64 11.51
CA GLU A 259 9.69 -30.35 10.46
C GLU A 259 9.28 -29.90 9.05
N ILE A 260 8.01 -29.58 8.86
CA ILE A 260 7.58 -28.95 7.61
C ILE A 260 8.41 -27.70 7.35
N ILE A 261 8.49 -26.82 8.35
CA ILE A 261 9.23 -25.57 8.23
C ILE A 261 10.70 -25.81 7.90
N LYS A 262 11.31 -26.79 8.55
CA LYS A 262 12.69 -27.14 8.28
C LYS A 262 12.87 -27.53 6.81
N CYS A 263 11.96 -28.37 6.31
CA CYS A 263 11.99 -28.80 4.91
C CYS A 263 11.88 -27.61 3.95
N LEU A 264 10.97 -26.68 4.28
CA LEU A 264 10.76 -25.50 3.45
C LEU A 264 11.99 -24.57 3.43
N ARG A 265 12.75 -24.60 4.52
CA ARG A 265 13.98 -23.81 4.61
C ARG A 265 15.11 -24.34 3.71
N ASN A 266 15.01 -25.59 3.27
CA ASN A 266 16.04 -26.16 2.41
C ASN A 266 15.71 -26.02 0.93
N LYS A 267 14.55 -25.42 0.64
CA LYS A 267 14.15 -25.20 -0.73
C LYS A 267 14.69 -23.86 -1.22
N ASP A 268 15.13 -23.82 -2.47
CA ASP A 268 15.57 -22.56 -3.06
C ASP A 268 14.36 -21.65 -3.23
N PRO A 269 14.56 -20.33 -3.05
CA PRO A 269 13.45 -19.37 -3.11
C PRO A 269 12.57 -19.53 -4.36
N GLN A 270 13.17 -19.92 -5.49
CA GLN A 270 12.41 -20.08 -6.73
C GLN A 270 11.34 -21.19 -6.68
N GLU A 271 11.58 -22.27 -5.95
CA GLU A 271 10.57 -23.33 -5.85
C GLU A 271 9.40 -22.90 -4.98
N ILE A 272 9.67 -22.13 -3.94
CA ILE A 272 8.61 -21.58 -3.12
C ILE A 272 7.78 -20.60 -3.93
N LEU A 273 8.44 -19.67 -4.61
CA LEU A 273 7.77 -18.67 -5.43
C LEU A 273 6.93 -19.31 -6.51
N LEU A 274 7.44 -20.39 -7.09
CA LEU A 274 6.75 -21.06 -8.18
C LEU A 274 5.40 -21.64 -7.75
N ASN A 275 5.34 -22.14 -6.51
CA ASN A 275 4.15 -22.83 -6.04
C ASN A 275 3.14 -21.97 -5.25
N GLU A 276 3.48 -20.72 -5.00
CA GLU A 276 2.59 -19.80 -4.27
C GLU A 276 1.22 -19.64 -4.95
N ALA A 277 1.22 -19.57 -6.28
CA ALA A 277 -0.02 -19.35 -7.03
C ALA A 277 -1.06 -20.48 -6.87
N PHE A 278 -0.59 -21.67 -6.54
CA PHE A 278 -1.47 -22.83 -6.52
C PHE A 278 -1.97 -23.28 -5.14
N VAL A 279 -1.67 -22.51 -4.09
CA VAL A 279 -2.15 -22.95 -2.76
C VAL A 279 -3.68 -22.79 -2.60
N VAL A 280 -4.31 -22.19 -3.59
CA VAL A 280 -5.76 -22.04 -3.64
C VAL A 280 -6.31 -22.66 -4.93
N PRO A 281 -7.52 -23.24 -4.86
CA PRO A 281 -8.12 -23.93 -6.03
C PRO A 281 -8.37 -22.96 -7.18
N TYR A 282 -8.98 -21.83 -6.87
CA TYR A 282 -9.17 -20.79 -7.86
C TYR A 282 -8.68 -19.46 -7.31
N GLY A 283 -7.99 -18.71 -8.15
CA GLY A 283 -7.54 -17.38 -7.77
C GLY A 283 -8.30 -16.36 -8.59
N THR A 284 -8.06 -15.09 -8.29
CA THR A 284 -8.61 -13.98 -9.05
C THR A 284 -7.45 -13.02 -9.25
N PRO A 285 -7.63 -11.98 -10.09
CA PRO A 285 -6.56 -10.99 -10.22
C PRO A 285 -6.24 -10.25 -8.92
N LEU A 286 -7.11 -10.36 -7.92
CA LEU A 286 -6.88 -9.70 -6.63
C LEU A 286 -6.46 -10.66 -5.52
N SER A 287 -6.16 -11.91 -5.88
CA SER A 287 -5.76 -12.90 -4.90
C SER A 287 -4.56 -12.47 -4.05
N VAL A 288 -4.66 -12.71 -2.75
CA VAL A 288 -3.58 -12.47 -1.81
C VAL A 288 -3.38 -13.78 -1.05
N ASN A 289 -2.56 -14.66 -1.60
CA ASN A 289 -2.43 -16.00 -1.05
C ASN A 289 -1.75 -16.06 0.32
N PHE A 290 -0.76 -15.19 0.51
CA PHE A 290 -0.04 -15.07 1.78
C PHE A 290 -0.06 -13.63 2.25
N GLY A 291 -0.96 -13.33 3.20
CA GLY A 291 -1.08 -11.97 3.72
C GLY A 291 -1.17 -11.93 5.24
N PRO A 292 -1.46 -10.75 5.81
CA PRO A 292 -1.60 -10.62 7.27
C PRO A 292 -2.57 -11.65 7.86
N THR A 293 -2.28 -12.15 9.06
CA THR A 293 -3.18 -13.04 9.79
C THR A 293 -3.33 -12.56 11.23
N VAL A 294 -4.29 -13.13 11.95
CA VAL A 294 -4.42 -12.89 13.38
C VAL A 294 -3.44 -13.81 14.11
N ASP A 295 -2.24 -13.32 14.39
CA ASP A 295 -1.16 -14.16 14.89
C ASP A 295 -1.04 -14.19 16.43
N GLY A 296 -1.80 -13.34 17.12
CA GLY A 296 -1.70 -13.24 18.57
C GLY A 296 -0.47 -12.49 19.06
N ASP A 297 0.18 -11.78 18.14
CA ASP A 297 1.39 -11.04 18.46
C ASP A 297 1.29 -9.62 17.89
N PHE A 298 1.47 -9.47 16.58
CA PHE A 298 1.26 -8.18 15.93
C PHE A 298 -0.22 -7.79 15.95
N LEU A 299 -1.10 -8.79 15.79
CA LEU A 299 -2.55 -8.59 15.70
C LEU A 299 -3.23 -9.51 16.72
N THR A 300 -3.83 -8.93 17.75
CA THR A 300 -4.32 -9.72 18.89
C THR A 300 -5.73 -10.30 18.75
N ASP A 301 -6.49 -9.85 17.76
CA ASP A 301 -7.87 -10.31 17.59
C ASP A 301 -8.28 -9.93 16.18
N MET A 302 -9.45 -10.40 15.73
CA MET A 302 -9.93 -10.00 14.41
C MET A 302 -10.05 -8.48 14.33
N PRO A 303 -9.43 -7.88 13.32
CA PRO A 303 -9.32 -6.43 13.25
C PRO A 303 -10.65 -5.69 13.08
N ASP A 304 -11.65 -6.34 12.49
CA ASP A 304 -12.99 -5.75 12.40
C ASP A 304 -13.57 -5.50 13.81
N ILE A 305 -13.25 -6.41 14.73
CA ILE A 305 -13.72 -6.30 16.11
C ILE A 305 -13.03 -5.13 16.81
N LEU A 306 -11.70 -5.05 16.66
CA LEU A 306 -10.89 -3.97 17.25
C LEU A 306 -11.37 -2.60 16.75
N LEU A 307 -11.61 -2.51 15.44
CA LEU A 307 -12.12 -1.28 14.83
C LEU A 307 -13.50 -0.90 15.37
N GLU A 308 -14.41 -1.87 15.36
CA GLU A 308 -15.77 -1.63 15.83
C GLU A 308 -15.76 -1.16 17.29
N LEU A 309 -14.87 -1.72 18.11
CA LEU A 309 -14.89 -1.44 19.55
C LEU A 309 -13.88 -0.37 19.98
N GLY A 310 -13.33 0.35 19.00
CA GLY A 310 -12.47 1.50 19.28
C GLY A 310 -11.11 1.20 19.89
N GLN A 311 -10.54 0.04 19.56
CA GLN A 311 -9.24 -0.35 20.10
C GLN A 311 -8.12 -0.08 19.10
N PHE A 312 -7.73 1.18 19.00
CA PHE A 312 -6.66 1.60 18.08
C PHE A 312 -6.07 2.94 18.54
N LYS A 313 -4.90 3.28 17.99
CA LYS A 313 -4.23 4.54 18.29
C LYS A 313 -5.14 5.72 17.99
N LYS A 314 -5.29 6.62 18.96
CA LYS A 314 -6.13 7.80 18.79
C LYS A 314 -5.28 8.92 18.21
N THR A 315 -5.48 9.22 16.92
CA THR A 315 -4.70 10.24 16.22
C THR A 315 -5.46 10.68 14.96
N GLN A 316 -4.87 11.58 14.18
CA GLN A 316 -5.54 12.07 12.96
C GLN A 316 -5.22 11.12 11.81
N ILE A 317 -6.16 10.95 10.88
CA ILE A 317 -5.87 10.19 9.66
C ILE A 317 -6.32 10.94 8.41
N LEU A 318 -5.63 10.67 7.30
CA LEU A 318 -5.98 11.19 5.98
C LEU A 318 -6.19 9.96 5.10
N VAL A 319 -7.39 9.83 4.52
CA VAL A 319 -7.75 8.65 3.73
C VAL A 319 -8.34 9.07 2.38
N GLY A 320 -8.11 8.28 1.33
CA GLY A 320 -8.73 8.57 0.05
C GLY A 320 -8.67 7.44 -0.97
N VAL A 321 -9.30 7.64 -2.12
CA VAL A 321 -9.39 6.64 -3.18
C VAL A 321 -9.41 7.34 -4.52
N ASN A 322 -9.23 6.57 -5.60
CA ASN A 322 -9.21 7.10 -6.95
C ASN A 322 -10.53 6.80 -7.65
N LYS A 323 -10.86 7.59 -8.68
CA LYS A 323 -12.13 7.42 -9.37
C LYS A 323 -12.34 6.04 -10.04
N ASP A 324 -11.28 5.43 -10.56
CA ASP A 324 -11.43 4.16 -11.25
C ASP A 324 -10.51 3.05 -10.68
N GLU A 325 -10.58 2.84 -9.37
CA GLU A 325 -9.77 1.80 -8.70
C GLU A 325 -9.85 0.42 -9.39
N GLY A 326 -11.02 0.07 -9.89
CA GLY A 326 -11.26 -1.30 -10.34
C GLY A 326 -10.76 -1.68 -11.74
N THR A 327 -10.55 -0.70 -12.61
CA THR A 327 -10.29 -1.03 -14.03
C THR A 327 -9.00 -1.80 -14.32
N ALA A 328 -7.93 -1.52 -13.60
CA ALA A 328 -6.62 -2.18 -13.83
C ALA A 328 -6.75 -3.70 -13.87
N PHE A 329 -7.63 -4.25 -13.03
CA PHE A 329 -7.71 -5.68 -12.82
C PHE A 329 -8.47 -6.41 -13.92
N LEU A 330 -9.31 -5.68 -14.65
CA LEU A 330 -10.14 -6.29 -15.69
C LEU A 330 -9.33 -6.92 -16.83
N VAL A 331 -8.16 -6.36 -17.12
CA VAL A 331 -7.36 -6.89 -18.23
C VAL A 331 -6.46 -8.05 -17.83
N TYR A 332 -6.60 -8.52 -16.59
CA TYR A 332 -5.82 -9.66 -16.12
C TYR A 332 -6.71 -10.90 -15.95
N GLY A 333 -7.73 -11.02 -16.80
CA GLY A 333 -8.57 -12.21 -16.80
C GLY A 333 -10.02 -12.13 -17.22
N ALA A 334 -10.67 -10.97 -17.09
CA ALA A 334 -12.08 -10.85 -17.48
C ALA A 334 -12.26 -10.94 -19.01
N PRO A 335 -13.21 -11.77 -19.47
CA PRO A 335 -13.36 -12.00 -20.92
C PRO A 335 -13.90 -10.75 -21.63
N GLY A 336 -13.44 -10.53 -22.86
CA GLY A 336 -13.84 -9.35 -23.61
C GLY A 336 -12.94 -8.15 -23.40
N PHE A 337 -12.11 -8.18 -22.36
CA PHE A 337 -11.31 -7.01 -22.01
C PHE A 337 -9.92 -7.02 -22.66
N SER A 338 -9.40 -5.83 -22.93
CA SER A 338 -8.09 -5.65 -23.55
C SER A 338 -7.66 -4.20 -23.40
N LYS A 339 -6.41 -3.98 -23.01
CA LYS A 339 -5.90 -2.62 -22.94
C LYS A 339 -5.76 -2.05 -24.35
N ASP A 340 -5.88 -2.91 -25.37
CA ASP A 340 -5.63 -2.49 -26.76
C ASP A 340 -6.89 -2.27 -27.60
N ASN A 341 -8.06 -2.35 -26.99
CA ASN A 341 -9.30 -1.87 -27.63
C ASN A 341 -10.25 -1.30 -26.58
N ASN A 342 -11.42 -0.84 -27.01
CA ASN A 342 -12.31 -0.14 -26.07
C ASN A 342 -13.09 -1.06 -25.11
N SER A 343 -12.90 -2.38 -25.24
CA SER A 343 -13.48 -3.36 -24.31
C SER A 343 -15.01 -3.26 -24.10
N ILE A 344 -15.75 -3.03 -25.18
CA ILE A 344 -17.21 -3.04 -25.09
C ILE A 344 -17.68 -4.49 -24.89
N ILE A 345 -18.10 -4.83 -23.68
CA ILE A 345 -18.52 -6.20 -23.40
C ILE A 345 -20.04 -6.36 -23.40
N THR A 346 -20.49 -7.61 -23.51
CA THR A 346 -21.93 -7.91 -23.47
C THR A 346 -22.40 -8.28 -22.06
N ARG A 347 -23.73 -8.31 -21.88
CA ARG A 347 -24.32 -8.77 -20.63
C ARG A 347 -23.72 -10.10 -20.24
N LYS A 348 -23.69 -11.01 -21.20
CA LYS A 348 -23.14 -12.34 -21.00
C LYS A 348 -21.69 -12.30 -20.51
N GLU A 349 -20.89 -11.42 -21.11
CA GLU A 349 -19.48 -11.27 -20.70
C GLU A 349 -19.35 -10.69 -19.28
N PHE A 350 -20.22 -9.74 -18.95
CA PHE A 350 -20.30 -9.21 -17.59
C PHE A 350 -20.52 -10.38 -16.64
N GLN A 351 -21.48 -11.25 -16.97
CA GLN A 351 -21.77 -12.40 -16.12
C GLN A 351 -20.56 -13.32 -15.91
N GLU A 352 -19.87 -13.66 -17.00
CA GLU A 352 -18.63 -14.45 -16.91
C GLU A 352 -17.56 -13.71 -16.11
N GLY A 353 -17.56 -12.39 -16.23
CA GLY A 353 -16.64 -11.55 -15.46
C GLY A 353 -16.84 -11.67 -13.95
N LEU A 354 -18.08 -11.71 -13.50
CA LEU A 354 -18.37 -11.85 -12.07
C LEU A 354 -17.88 -13.20 -11.56
N LYS A 355 -17.95 -14.22 -12.42
CA LYS A 355 -17.46 -15.54 -12.02
C LYS A 355 -15.95 -15.52 -11.77
N ILE A 356 -15.23 -14.77 -12.62
CA ILE A 356 -13.80 -14.53 -12.46
C ILE A 356 -13.46 -13.82 -11.14
N PHE A 357 -14.18 -12.77 -10.79
CA PHE A 357 -13.87 -11.99 -9.57
C PHE A 357 -14.56 -12.50 -8.29
N PHE A 358 -15.56 -13.37 -8.44
CA PHE A 358 -16.29 -13.91 -7.27
C PHE A 358 -16.49 -15.43 -7.39
N PRO A 359 -15.37 -16.18 -7.49
CA PRO A 359 -15.43 -17.61 -7.82
C PRO A 359 -16.06 -18.48 -6.74
N GLY A 360 -15.92 -18.12 -5.47
CA GLY A 360 -16.50 -18.93 -4.41
C GLY A 360 -17.88 -18.48 -3.94
N VAL A 361 -18.45 -17.50 -4.63
CA VAL A 361 -19.72 -16.91 -4.24
C VAL A 361 -20.91 -17.65 -4.87
N SER A 362 -21.99 -17.80 -4.12
CA SER A 362 -23.19 -18.46 -4.63
C SER A 362 -23.76 -17.77 -5.86
N GLU A 363 -24.56 -18.50 -6.62
CA GLU A 363 -25.27 -17.96 -7.77
C GLU A 363 -26.17 -16.79 -7.38
N PHE A 364 -26.83 -16.89 -6.22
CA PHE A 364 -27.66 -15.80 -5.73
C PHE A 364 -26.82 -14.55 -5.49
N GLY A 365 -25.63 -14.75 -4.93
CA GLY A 365 -24.71 -13.65 -4.67
C GLY A 365 -24.30 -12.91 -5.93
N LYS A 366 -24.01 -13.66 -6.99
CA LYS A 366 -23.58 -13.03 -8.23
C LYS A 366 -24.73 -12.28 -8.90
N GLU A 367 -25.92 -12.87 -8.87
CA GLU A 367 -27.14 -12.24 -9.40
C GLU A 367 -27.42 -10.91 -8.69
N SER A 368 -27.27 -10.91 -7.37
CA SER A 368 -27.54 -9.69 -6.60
C SER A 368 -26.55 -8.55 -6.97
N ILE A 369 -25.31 -8.91 -7.32
CA ILE A 369 -24.37 -7.91 -7.83
C ILE A 369 -24.89 -7.33 -9.15
N LEU A 370 -25.35 -8.22 -10.02
CA LEU A 370 -25.84 -7.80 -11.33
C LEU A 370 -27.08 -6.93 -11.19
N PHE A 371 -27.99 -7.31 -10.31
CA PHE A 371 -29.20 -6.52 -10.06
C PHE A 371 -28.85 -5.10 -9.65
N HIS A 372 -27.85 -4.96 -8.78
CA HIS A 372 -27.55 -3.64 -8.21
C HIS A 372 -26.80 -2.75 -9.19
N TYR A 373 -25.98 -3.32 -10.05
CA TYR A 373 -25.14 -2.53 -10.94
C TYR A 373 -25.64 -2.42 -12.38
N THR A 374 -26.76 -3.07 -12.71
CA THR A 374 -27.20 -3.10 -14.10
C THR A 374 -28.60 -2.58 -14.35
N ASP A 375 -29.17 -1.83 -13.41
CA ASP A 375 -30.37 -1.09 -13.76
C ASP A 375 -29.94 0.21 -14.45
N TRP A 376 -29.86 0.16 -15.78
CA TRP A 376 -29.53 1.35 -16.55
C TRP A 376 -30.74 2.25 -16.64
N VAL A 377 -30.48 3.51 -16.97
CA VAL A 377 -31.53 4.49 -17.21
C VAL A 377 -32.22 4.21 -18.54
N GLN A 380 -29.12 0.33 -23.63
CA GLN A 380 -28.89 1.71 -24.06
C GLN A 380 -27.44 1.92 -24.51
N ARG A 381 -26.62 2.49 -23.63
CA ARG A 381 -25.22 2.78 -23.91
C ARG A 381 -24.36 1.51 -23.99
N PRO A 382 -23.50 1.41 -25.01
CA PRO A 382 -22.69 0.21 -25.30
C PRO A 382 -21.63 -0.08 -24.23
N GLU A 383 -21.15 0.95 -23.54
CA GLU A 383 -20.13 0.76 -22.52
C GLU A 383 -20.73 0.56 -21.12
N ASN A 384 -22.04 0.36 -21.06
CA ASN A 384 -22.73 0.12 -19.79
C ASN A 384 -22.10 -1.01 -18.99
N TYR A 385 -21.97 -2.19 -19.60
CA TYR A 385 -21.45 -3.36 -18.90
C TYR A 385 -19.95 -3.24 -18.58
N ARG A 386 -19.18 -2.72 -19.53
CA ARG A 386 -17.76 -2.45 -19.30
C ARG A 386 -17.53 -1.60 -18.04
N GLU A 387 -18.29 -0.50 -17.92
CA GLU A 387 -18.12 0.41 -16.79
C GLU A 387 -18.65 -0.16 -15.49
N ALA A 388 -19.73 -0.93 -15.59
CA ALA A 388 -20.32 -1.57 -14.42
C ALA A 388 -19.32 -2.53 -13.76
N LEU A 389 -18.62 -3.33 -14.56
CA LEU A 389 -17.68 -4.29 -14.00
C LEU A 389 -16.51 -3.62 -13.29
N GLY A 390 -15.94 -2.58 -13.90
CA GLY A 390 -14.91 -1.80 -13.23
C GLY A 390 -15.39 -1.26 -11.89
N ASP A 391 -16.60 -0.71 -11.87
CA ASP A 391 -17.13 -0.13 -10.64
C ASP A 391 -17.40 -1.19 -9.57
N VAL A 392 -17.95 -2.33 -10.00
CA VAL A 392 -18.09 -3.48 -9.11
C VAL A 392 -16.76 -3.82 -8.42
N VAL A 393 -15.70 -3.98 -9.21
CA VAL A 393 -14.40 -4.38 -8.65
C VAL A 393 -13.80 -3.30 -7.74
N GLY A 394 -13.93 -2.03 -8.13
CA GLY A 394 -13.34 -0.94 -7.39
C GLY A 394 -14.12 -0.65 -6.10
N ASP A 395 -15.44 -0.76 -6.15
CA ASP A 395 -16.26 -0.44 -4.97
C ASP A 395 -16.11 -1.51 -3.89
N TYR A 396 -16.14 -2.78 -4.31
CA TYR A 396 -16.04 -3.92 -3.39
C TYR A 396 -14.65 -3.96 -2.74
N ASN A 397 -13.61 -3.82 -3.54
CA ASN A 397 -12.23 -4.02 -3.07
C ASN A 397 -11.54 -2.81 -2.42
N PHE A 398 -11.94 -1.59 -2.80
CA PHE A 398 -11.21 -0.40 -2.33
C PHE A 398 -12.05 0.72 -1.71
N ILE A 399 -13.04 1.19 -2.44
CA ILE A 399 -13.74 2.41 -2.05
C ILE A 399 -14.65 2.21 -0.83
N CYS A 400 -15.58 1.27 -0.92
CA CYS A 400 -16.45 0.99 0.22
C CYS A 400 -15.70 0.60 1.53
N PRO A 401 -14.65 -0.24 1.46
CA PRO A 401 -13.90 -0.49 2.70
C PRO A 401 -13.19 0.78 3.23
N ALA A 402 -12.64 1.60 2.34
CA ALA A 402 -11.96 2.83 2.78
C ALA A 402 -12.94 3.76 3.47
N LEU A 403 -14.13 3.92 2.89
CA LEU A 403 -15.17 4.75 3.50
C LEU A 403 -15.65 4.19 4.85
N GLU A 404 -15.82 2.86 4.93
N GLU A 404 -15.81 2.88 4.94
CA GLU A 404 -16.25 2.23 6.19
CA GLU A 404 -16.28 2.30 6.21
C GLU A 404 -15.21 2.45 7.28
C GLU A 404 -15.21 2.43 7.30
N PHE A 405 -13.94 2.27 6.91
CA PHE A 405 -12.84 2.47 7.83
C PHE A 405 -12.86 3.90 8.38
N THR A 406 -13.01 4.86 7.48
CA THR A 406 -12.99 6.26 7.89
C THR A 406 -14.15 6.61 8.84
N LYS A 407 -15.34 6.10 8.58
CA LYS A 407 -16.49 6.36 9.46
C LYS A 407 -16.25 5.78 10.85
N LYS A 408 -15.90 4.49 10.90
CA LYS A 408 -15.71 3.79 12.18
C LYS A 408 -14.60 4.44 12.98
N PHE A 409 -13.52 4.82 12.29
CA PHE A 409 -12.40 5.45 12.98
C PHE A 409 -12.79 6.80 13.58
N SER A 410 -13.50 7.62 12.81
CA SER A 410 -13.87 8.97 13.26
C SER A 410 -14.91 8.98 14.37
N GLU A 411 -15.64 7.88 14.53
CA GLU A 411 -16.66 7.81 15.58
C GLU A 411 -16.08 7.85 16.98
N TRP A 412 -14.77 7.63 17.10
CA TRP A 412 -14.14 7.65 18.42
C TRP A 412 -13.47 8.99 18.69
N GLY A 413 -13.84 10.00 17.91
CA GLY A 413 -13.57 11.37 18.29
C GLY A 413 -12.41 12.06 17.59
N ASN A 414 -11.71 11.34 16.72
CA ASN A 414 -10.56 11.95 16.03
C ASN A 414 -10.90 12.62 14.71
N ASN A 415 -10.13 13.66 14.37
CA ASN A 415 -10.20 14.26 13.06
C ASN A 415 -9.77 13.31 11.93
N ALA A 416 -10.61 13.21 10.91
CA ALA A 416 -10.30 12.44 9.73
C ALA A 416 -10.62 13.31 8.52
N PHE A 417 -9.84 13.13 7.45
CA PHE A 417 -10.01 13.87 6.21
C PHE A 417 -10.07 12.86 5.05
N PHE A 418 -11.07 12.98 4.17
CA PHE A 418 -11.21 12.03 3.04
C PHE A 418 -11.13 12.74 1.68
N TYR A 419 -10.40 12.13 0.72
CA TYR A 419 -10.30 12.69 -0.64
C TYR A 419 -10.77 11.72 -1.73
N TYR A 420 -11.20 12.28 -2.85
CA TYR A 420 -11.55 11.49 -4.03
C TYR A 420 -10.70 12.02 -5.17
N PHE A 421 -9.72 11.23 -5.62
CA PHE A 421 -8.78 11.66 -6.66
C PHE A 421 -9.31 11.30 -8.05
N GLU A 422 -9.52 12.33 -8.88
CA GLU A 422 -10.16 12.09 -10.18
C GLU A 422 -9.41 12.69 -11.37
N HIS A 423 -8.10 12.87 -11.24
CA HIS A 423 -7.32 13.31 -12.39
C HIS A 423 -6.56 12.17 -13.09
N ARG A 424 -6.81 12.00 -14.39
CA ARG A 424 -6.07 11.03 -15.18
C ARG A 424 -4.80 11.64 -15.78
N SER A 425 -3.65 11.08 -15.41
CA SER A 425 -2.34 11.55 -15.87
C SER A 425 -2.28 11.69 -17.38
N SER A 426 -1.70 12.78 -17.87
CA SER A 426 -1.56 12.96 -19.31
C SER A 426 -0.54 11.99 -19.90
N LYS A 427 0.29 11.40 -19.04
CA LYS A 427 1.32 10.47 -19.52
C LYS A 427 0.90 9.00 -19.38
N LEU A 428 -0.30 8.77 -18.88
CA LEU A 428 -0.83 7.40 -18.67
C LEU A 428 -0.73 6.55 -19.93
N PRO A 429 0.03 5.44 -19.85
CA PRO A 429 0.23 4.56 -21.01
C PRO A 429 -0.95 3.59 -21.24
N TRP A 430 -1.75 3.37 -20.21
CA TRP A 430 -3.00 2.61 -20.34
C TRP A 430 -4.06 3.43 -21.10
N PRO A 431 -5.00 2.75 -21.77
CA PRO A 431 -6.04 3.42 -22.58
C PRO A 431 -7.02 4.26 -21.74
N GLU A 432 -7.68 5.22 -22.39
CA GLU A 432 -8.51 6.18 -21.65
C GLU A 432 -9.78 5.58 -21.01
N TRP A 433 -10.26 4.46 -21.55
CA TRP A 433 -11.41 3.80 -20.91
C TRP A 433 -11.10 3.33 -19.50
N MET A 434 -9.83 3.13 -19.17
CA MET A 434 -9.48 2.71 -17.80
C MET A 434 -9.44 3.85 -16.80
N GLY A 435 -9.52 5.09 -17.30
CA GLY A 435 -9.73 6.25 -16.44
C GLY A 435 -8.63 6.51 -15.41
N VAL A 436 -9.04 6.86 -14.20
CA VAL A 436 -8.14 7.29 -13.12
C VAL A 436 -7.77 6.07 -12.28
N MET A 437 -6.67 5.41 -12.66
CA MET A 437 -6.41 4.04 -12.22
C MET A 437 -5.81 3.88 -10.83
N HIS A 438 -5.95 2.65 -10.32
CA HIS A 438 -5.34 2.24 -9.04
C HIS A 438 -3.84 2.45 -9.08
N GLY A 439 -3.33 3.31 -8.20
CA GLY A 439 -1.88 3.53 -8.12
C GLY A 439 -1.41 4.82 -8.79
N TYR A 440 -2.30 5.51 -9.48
CA TYR A 440 -1.84 6.64 -10.29
C TYR A 440 -2.03 8.03 -9.68
N GLU A 441 -2.32 8.08 -8.37
CA GLU A 441 -2.18 9.33 -7.61
C GLU A 441 -0.77 9.43 -7.03
N ILE A 442 -0.09 8.28 -6.97
CA ILE A 442 1.18 8.18 -6.22
C ILE A 442 2.24 9.18 -6.74
N GLU A 443 2.42 9.23 -8.06
CA GLU A 443 3.39 10.14 -8.65
C GLU A 443 3.07 11.62 -8.36
N PHE A 444 1.80 11.93 -8.09
CA PHE A 444 1.46 13.31 -7.72
C PHE A 444 1.87 13.64 -6.28
N VAL A 445 1.65 12.67 -5.39
CA VAL A 445 2.05 12.78 -3.97
C VAL A 445 3.55 12.96 -3.80
N PHE A 446 4.35 12.21 -4.58
CA PHE A 446 5.80 12.28 -4.49
C PHE A 446 6.35 13.43 -5.34
N GLY A 447 5.45 14.17 -6.00
CA GLY A 447 5.85 15.42 -6.64
C GLY A 447 6.62 15.27 -7.94
N LEU A 448 6.43 14.15 -8.63
CA LEU A 448 7.09 13.97 -9.93
C LEU A 448 6.77 15.07 -10.97
N PRO A 449 5.49 15.50 -11.06
CA PRO A 449 5.21 16.54 -12.04
C PRO A 449 5.82 17.92 -11.73
N LEU A 450 6.44 18.10 -10.56
CA LEU A 450 7.16 19.36 -10.30
C LEU A 450 8.37 19.50 -11.20
N GLU A 451 8.89 18.38 -11.68
CA GLU A 451 10.01 18.42 -12.63
C GLU A 451 9.49 18.76 -14.03
N ARG A 452 9.74 19.99 -14.44
CA ARG A 452 9.21 20.53 -15.69
C ARG A 452 9.78 19.83 -16.92
N ARG A 453 10.85 19.06 -16.73
CA ARG A 453 11.50 18.39 -17.86
C ARG A 453 10.84 17.06 -18.22
N ASP A 454 9.77 16.70 -17.51
CA ASP A 454 9.26 15.32 -17.61
C ASP A 454 7.86 15.14 -18.22
N GLN A 455 7.47 16.03 -19.13
CA GLN A 455 6.28 15.86 -19.98
C GLN A 455 4.90 16.17 -19.37
N TYR A 456 4.81 16.38 -18.06
CA TYR A 456 3.52 16.74 -17.47
C TYR A 456 3.09 18.14 -17.89
N THR A 457 1.79 18.40 -17.86
CA THR A 457 1.25 19.73 -18.20
C THR A 457 1.44 20.70 -17.04
N LYS A 458 1.19 21.97 -17.32
CA LYS A 458 1.24 23.03 -16.31
C LYS A 458 0.20 22.78 -15.21
N ALA A 459 -1.00 22.42 -15.63
CA ALA A 459 -2.08 22.15 -14.69
C ALA A 459 -1.67 21.03 -13.73
N GLU A 460 -0.89 20.07 -14.20
CA GLU A 460 -0.50 18.93 -13.38
C GLU A 460 0.62 19.30 -12.40
N GLU A 461 1.51 20.18 -12.83
CA GLU A 461 2.50 20.77 -11.93
C GLU A 461 1.76 21.42 -10.77
N ILE A 462 0.75 22.23 -11.10
CA ILE A 462 -0.03 22.94 -10.08
C ILE A 462 -0.75 21.98 -9.11
N LEU A 463 -1.37 20.94 -9.65
CA LEU A 463 -2.08 19.96 -8.82
C LEU A 463 -1.14 19.26 -7.84
N SER A 464 0.00 18.80 -8.34
CA SER A 464 0.98 18.10 -7.52
C SER A 464 1.55 19.01 -6.43
N ARG A 465 1.86 20.25 -6.79
CA ARG A 465 2.42 21.21 -5.84
C ARG A 465 1.48 21.36 -4.63
N SER A 466 0.19 21.48 -4.90
N SER A 466 0.19 21.47 -4.87
CA SER A 466 -0.81 21.64 -3.85
CA SER A 466 -0.74 21.65 -3.77
C SER A 466 -0.99 20.37 -3.02
C SER A 466 -0.98 20.35 -3.00
N ILE A 467 -0.98 19.21 -3.69
CA ILE A 467 -1.10 17.92 -3.03
C ILE A 467 0.09 17.70 -2.08
N VAL A 468 1.29 17.98 -2.58
CA VAL A 468 2.51 17.90 -1.79
C VAL A 468 2.42 18.79 -0.55
N LYS A 469 1.98 20.04 -0.73
CA LYS A 469 1.79 20.95 0.40
C LYS A 469 0.76 20.41 1.43
N ARG A 470 -0.38 19.93 0.95
CA ARG A 470 -1.43 19.38 1.85
C ARG A 470 -0.93 18.17 2.67
N TRP A 471 -0.23 17.25 2.01
CA TRP A 471 0.32 16.08 2.69
C TRP A 471 1.36 16.49 3.74
N ALA A 472 2.24 17.42 3.37
CA ALA A 472 3.25 17.97 4.28
C ALA A 472 2.63 18.67 5.50
N ASN A 473 1.61 19.51 5.27
CA ASN A 473 0.89 20.14 6.38
C ASN A 473 0.17 19.12 7.27
N PHE A 474 -0.41 18.07 6.68
CA PHE A 474 -0.98 17.00 7.50
C PHE A 474 0.08 16.38 8.42
N ALA A 475 1.21 15.98 7.85
CA ALA A 475 2.26 15.36 8.65
C ALA A 475 2.76 16.30 9.77
N LYS A 476 3.06 17.54 9.41
CA LYS A 476 3.58 18.51 10.37
C LYS A 476 2.57 18.95 11.41
N TYR A 477 1.35 19.24 10.96
CA TYR A 477 0.39 19.99 11.78
C TYR A 477 -0.95 19.27 11.99
N GLY A 478 -1.12 18.13 11.32
CA GLY A 478 -2.34 17.33 11.46
C GLY A 478 -3.55 17.89 10.74
N ASN A 479 -3.33 18.74 9.74
CA ASN A 479 -4.42 19.45 9.07
C ASN A 479 -4.06 19.76 7.62
N PRO A 480 -4.67 19.05 6.64
CA PRO A 480 -4.18 19.06 5.26
C PRO A 480 -4.68 20.24 4.44
N GLN A 481 -4.49 21.44 4.97
CA GLN A 481 -4.91 22.64 4.26
C GLN A 481 -3.79 23.15 3.33
N GLU A 482 -4.16 23.95 2.35
CA GLU A 482 -3.18 24.76 1.62
C GLU A 482 -3.63 26.16 1.92
N THR A 483 -2.90 26.85 2.79
CA THR A 483 -3.42 28.07 3.43
C THR A 483 -3.14 29.35 2.65
N GLN A 484 -2.28 29.27 1.64
CA GLN A 484 -1.75 30.49 1.01
C GLN A 484 -2.41 30.95 -0.28
N ASN A 485 -2.87 30.00 -1.11
CA ASN A 485 -3.28 30.35 -2.47
C ASN A 485 -4.79 30.29 -2.74
N GLN A 486 -5.58 30.89 -1.85
CA GLN A 486 -7.05 30.88 -1.94
C GLN A 486 -7.61 29.48 -2.25
N SER A 487 -7.13 28.48 -1.54
CA SER A 487 -7.57 27.11 -1.78
C SER A 487 -8.88 26.78 -1.07
N THR A 488 -9.60 25.80 -1.62
CA THR A 488 -10.76 25.24 -0.94
C THR A 488 -10.30 24.64 0.37
N SER A 489 -11.02 24.94 1.44
CA SER A 489 -10.75 24.37 2.75
C SER A 489 -11.19 22.90 2.77
N TRP A 490 -10.35 22.02 3.31
CA TRP A 490 -10.66 20.61 3.43
C TRP A 490 -11.38 20.40 4.77
N PRO A 491 -12.69 20.11 4.72
CA PRO A 491 -13.48 19.95 5.94
C PRO A 491 -13.26 18.59 6.57
N VAL A 492 -13.40 18.52 7.89
CA VAL A 492 -13.24 17.25 8.60
C VAL A 492 -14.35 16.26 8.17
N PHE A 493 -14.01 14.98 8.04
CA PHE A 493 -15.01 13.93 7.75
C PHE A 493 -15.66 13.43 9.03
N LYS A 494 -16.98 13.58 9.13
CA LYS A 494 -17.76 13.10 10.28
C LYS A 494 -18.77 12.07 9.81
N SER A 495 -19.16 11.16 10.70
CA SER A 495 -20.03 10.02 10.32
C SER A 495 -21.42 10.45 9.87
N THR A 496 -21.86 11.62 10.32
CA THR A 496 -23.16 12.15 9.89
C THR A 496 -23.10 12.74 8.48
N GLU A 497 -22.34 13.80 8.28
CA GLU A 497 -22.35 14.51 6.99
C GLU A 497 -21.45 13.91 5.94
N GLN A 498 -20.34 13.30 6.36
CA GLN A 498 -19.46 12.58 5.44
C GLN A 498 -18.94 13.44 4.28
N LYS A 499 -18.45 14.63 4.60
CA LYS A 499 -17.90 15.54 3.59
C LYS A 499 -16.56 15.00 3.11
N TYR A 500 -16.30 15.13 1.81
CA TYR A 500 -14.99 14.82 1.25
C TYR A 500 -14.55 15.84 0.21
N LEU A 501 -13.25 15.86 -0.10
CA LEU A 501 -12.66 16.82 -1.03
C LEU A 501 -12.24 16.12 -2.34
N THR A 502 -12.64 16.68 -3.47
CA THR A 502 -12.23 16.10 -4.75
C THR A 502 -10.94 16.75 -5.21
N LEU A 503 -10.00 15.93 -5.68
CA LEU A 503 -8.73 16.43 -6.20
C LEU A 503 -8.69 16.29 -7.71
N ASN A 504 -8.58 17.43 -8.40
N ASN A 504 -8.56 17.43 -8.40
CA ASN A 504 -8.48 17.44 -9.85
CA ASN A 504 -8.48 17.44 -9.87
C ASN A 504 -7.76 18.71 -10.33
C ASN A 504 -7.75 18.70 -10.32
N THR A 505 -7.47 18.81 -11.62
CA THR A 505 -6.79 19.99 -12.16
C THR A 505 -7.71 21.19 -12.29
N GLU A 506 -8.99 20.94 -12.52
CA GLU A 506 -9.95 22.02 -12.78
C GLU A 506 -10.56 22.62 -11.51
N SER A 507 -11.46 21.88 -10.89
CA SER A 507 -12.31 22.43 -9.84
C SER A 507 -12.29 21.53 -8.61
N THR A 508 -11.62 21.97 -7.54
CA THR A 508 -11.65 21.20 -6.30
C THR A 508 -12.95 21.53 -5.56
N ARG A 509 -13.69 20.50 -5.19
CA ARG A 509 -15.01 20.71 -4.60
C ARG A 509 -15.21 19.93 -3.32
N ILE A 510 -16.07 20.47 -2.46
CA ILE A 510 -16.59 19.74 -1.32
C ILE A 510 -17.88 19.00 -1.69
N MET A 511 -17.89 17.69 -1.49
N MET A 511 -17.89 17.69 -1.44
CA MET A 511 -19.08 16.87 -1.76
CA MET A 511 -19.02 16.83 -1.76
C MET A 511 -19.38 15.98 -0.55
C MET A 511 -19.39 15.98 -0.53
N THR A 512 -20.57 15.37 -0.56
CA THR A 512 -21.02 14.53 0.55
C THR A 512 -21.40 13.10 0.14
N LYS A 513 -21.12 12.16 1.04
CA LYS A 513 -21.65 10.79 0.97
C LYS A 513 -21.26 10.05 -0.31
N LEU A 514 -19.95 9.94 -0.54
CA LEU A 514 -19.41 9.24 -1.71
C LEU A 514 -19.99 7.81 -1.90
N ARG A 515 -20.47 7.52 -3.12
CA ARG A 515 -21.02 6.18 -3.45
C ARG A 515 -22.00 5.64 -2.41
N ALA A 516 -22.87 6.50 -1.87
CA ALA A 516 -23.78 6.09 -0.80
C ALA A 516 -24.53 4.77 -1.11
N GLN A 517 -25.22 4.74 -2.24
CA GLN A 517 -26.05 3.59 -2.63
C GLN A 517 -25.24 2.31 -2.89
N GLN A 518 -24.14 2.43 -3.62
CA GLN A 518 -23.29 1.28 -3.87
C GLN A 518 -22.76 0.66 -2.57
N CYS A 519 -22.25 1.50 -1.68
CA CYS A 519 -21.61 1.03 -0.46
C CYS A 519 -22.61 0.42 0.54
N ARG A 520 -23.84 0.93 0.56
CA ARG A 520 -24.88 0.27 1.35
C ARG A 520 -25.04 -1.19 0.91
N PHE A 521 -24.98 -1.45 -0.40
CA PHE A 521 -25.04 -2.82 -0.89
C PHE A 521 -23.85 -3.69 -0.41
N TRP A 522 -22.63 -3.21 -0.63
CA TRP A 522 -21.44 -3.96 -0.25
C TRP A 522 -21.23 -4.08 1.25
N THR A 523 -21.53 -3.01 1.99
CA THR A 523 -21.16 -2.96 3.39
C THR A 523 -22.20 -3.66 4.26
N SER A 524 -23.48 -3.46 3.95
CA SER A 524 -24.57 -4.00 4.76
C SER A 524 -25.00 -5.38 4.31
N PHE A 525 -25.32 -5.51 3.03
CA PHE A 525 -25.93 -6.76 2.54
C PHE A 525 -24.95 -7.87 2.13
N PHE A 526 -24.05 -7.56 1.21
CA PHE A 526 -23.16 -8.57 0.62
C PHE A 526 -22.38 -9.47 1.62
N PRO A 527 -21.95 -8.94 2.79
CA PRO A 527 -21.27 -9.84 3.72
C PRO A 527 -22.12 -11.01 4.24
N LYS A 528 -23.40 -11.05 3.91
CA LYS A 528 -24.29 -12.10 4.39
C LYS A 528 -24.35 -13.30 3.44
N VAL A 529 -24.15 -13.07 2.15
CA VAL A 529 -24.23 -14.14 1.15
C VAL A 529 -23.06 -15.12 1.28
C1 NAG B . -7.75 -26.69 0.99
C2 NAG B . -8.88 -26.19 0.07
C3 NAG B . -9.48 -27.30 -0.77
C4 NAG B . -8.42 -28.08 -1.54
C5 NAG B . -7.27 -28.49 -0.61
C6 NAG B . -6.06 -28.95 -1.41
C7 NAG B . -10.22 -24.25 0.74
C8 NAG B . -10.44 -23.72 -0.65
N2 NAG B . -9.90 -25.54 0.87
O3 NAG B . -10.42 -26.75 -1.67
O4 NAG B . -9.01 -29.22 -2.15
O5 NAG B . -6.81 -27.46 0.25
O6 NAG B . -6.37 -28.90 -2.79
O7 NAG B . -10.35 -23.50 1.71
C1 NAG B . -9.42 -28.98 -3.52
C2 NAG B . -9.30 -30.27 -4.35
C3 NAG B . -10.15 -30.34 -5.61
C4 NAG B . -11.46 -29.56 -5.53
C5 NAG B . -11.20 -28.20 -4.90
C6 NAG B . -12.49 -27.39 -4.81
C7 NAG B . -7.36 -31.64 -4.96
C8 NAG B . -6.96 -31.98 -6.36
N2 NAG B . -7.92 -30.44 -4.77
O3 NAG B . -10.44 -31.69 -5.88
O4 NAG B . -11.96 -29.41 -6.84
O5 NAG B . -10.71 -28.40 -3.59
O6 NAG B . -13.29 -27.87 -3.75
O7 NAG B . -7.18 -32.44 -4.04
C1 FUL B . -5.24 -29.06 -3.69
C2 FUL B . -3.85 -29.19 -2.95
O2 FUL B . -3.65 -30.48 -2.35
C3 FUL B . -2.67 -28.85 -3.88
O3 FUL B . -1.47 -28.70 -3.12
C4 FUL B . -2.92 -27.56 -4.64
O4 FUL B . -3.12 -26.48 -3.73
C5 FUL B . -4.17 -27.74 -5.50
C6 FUL B . -4.53 -26.51 -6.35
O5 FUL B . -5.32 -28.03 -4.69
C1 NAG C . -10.83 -6.45 -27.74
C2 NAG C . -12.00 -6.95 -28.58
C3 NAG C . -12.50 -8.30 -28.07
C4 NAG C . -11.42 -9.31 -27.75
C5 NAG C . -10.29 -8.63 -26.99
C6 NAG C . -9.09 -9.55 -26.80
C7 NAG C . -13.32 -5.05 -29.33
C8 NAG C . -12.79 -5.20 -30.71
N2 NAG C . -13.11 -6.04 -28.48
O3 NAG C . -13.40 -8.84 -28.99
O4 NAG C . -12.10 -10.16 -26.86
O5 NAG C . -9.85 -7.46 -27.64
O6 NAG C . -8.74 -10.12 -28.05
O7 NAG C . -13.94 -4.04 -29.00
C1 NAG C . -11.98 -11.59 -27.00
C2 NAG C . -11.94 -12.21 -28.39
C3 NAG C . -12.17 -13.72 -28.18
C4 NAG C . -11.28 -14.31 -27.09
C5 NAG C . -11.13 -13.41 -25.86
C6 NAG C . -10.02 -13.86 -24.91
C7 NAG C . -12.76 -11.80 -30.64
C8 NAG C . -13.18 -10.64 -31.50
N2 NAG C . -12.93 -11.68 -29.31
O3 NAG C . -11.96 -14.40 -29.39
O4 NAG C . -11.84 -15.54 -26.67
O5 NAG C . -10.87 -12.09 -26.28
O6 NAG C . -10.33 -15.13 -24.38
O7 NAG C . -12.29 -12.82 -31.16
C1 FUL C . -7.34 -10.47 -28.03
C2 FUL C . -6.45 -9.20 -28.11
O2 FUL C . -5.24 -9.34 -27.37
C3 FUL C . -6.19 -8.71 -29.57
O3 FUL C . -7.26 -7.90 -30.04
C4 FUL C . -5.93 -9.85 -30.60
O4 FUL C . -6.18 -9.34 -31.89
C5 FUL C . -6.82 -11.10 -30.37
C6 FUL C . -8.22 -10.99 -31.01
O5 FUL C . -7.00 -11.48 -28.98
C1 NAG D . 32.64 3.67 -0.04
C2 NAG D . 33.82 2.72 -0.22
C3 NAG D . 35.10 3.54 -0.16
C4 NAG D . 35.07 4.57 -1.29
C5 NAG D . 33.76 5.37 -1.32
C6 NAG D . 33.63 6.16 -2.63
C7 NAG D . 33.60 0.36 0.37
C8 NAG D . 33.27 0.11 -1.07
N2 NAG D . 33.79 1.63 0.75
O3 NAG D . 36.22 2.71 -0.30
O4 NAG D . 36.16 5.46 -1.16
O5 NAG D . 32.61 4.54 -1.16
O6 NAG D . 34.61 7.17 -2.70
O7 NAG D . 33.68 -0.59 1.15
C1 NAG E . 12.32 18.73 18.52
C2 NAG E . 13.42 18.99 19.57
C3 NAG E . 13.18 18.34 20.93
C4 NAG E . 11.77 18.63 21.41
C5 NAG E . 10.89 18.06 20.31
C6 NAG E . 9.43 17.98 20.74
C7 NAG E . 15.59 19.54 18.67
C8 NAG E . 17.04 19.21 18.74
N2 NAG E . 14.73 18.60 19.07
O3 NAG E . 14.10 18.80 21.90
O4 NAG E . 11.49 18.02 22.65
O5 NAG E . 11.04 18.84 19.13
O6 NAG E . 8.79 17.09 19.85
O7 NAG E . 15.20 20.64 18.26
C1 FUC F . 6.63 19.00 18.94
C2 FUC F . 6.84 19.51 17.48
C3 FUC F . 6.53 18.43 16.43
C4 FUC F . 5.24 17.69 16.77
C5 FUC F . 5.40 17.04 18.14
C6 FUC F . 4.17 16.26 18.57
O2 FUC F . 8.16 20.03 17.30
O3 FUC F . 6.37 19.03 15.15
O4 FUC F . 4.14 18.61 16.78
O5 FUC F . 5.60 18.05 19.14
C1 NAG G . 9.08 -31.59 16.49
C2 NAG G . 8.85 -31.73 18.00
C3 NAG G . 9.72 -30.78 18.83
C4 NAG G . 11.15 -30.67 18.32
C5 NAG G . 11.16 -30.45 16.81
C6 NAG G . 12.59 -30.31 16.27
C7 NAG G . 6.52 -32.42 18.30
C8 NAG G . 5.09 -31.96 18.32
N2 NAG G . 7.45 -31.46 18.29
O3 NAG G . 9.73 -31.20 20.18
O4 NAG G . 11.81 -29.60 18.97
O5 NAG G . 10.46 -31.52 16.17
O6 NAG G . 13.32 -31.52 16.42
O7 NAG G . 6.78 -33.62 18.29
C1 NAG H . 1.01 29.40 -4.53
C2 NAG H . 1.77 28.11 -4.83
C3 NAG H . 3.10 28.41 -5.52
C4 NAG H . 2.88 29.31 -6.74
C5 NAG H . 2.08 30.54 -6.32
C6 NAG H . 1.81 31.46 -7.52
C7 NAG H . 1.43 26.18 -3.38
C8 NAG H . 1.76 25.51 -2.07
N2 NAG H . 2.01 27.36 -3.60
O3 NAG H . 3.72 27.20 -5.89
O4 NAG H . 4.12 29.70 -7.30
O5 NAG H . 0.86 30.14 -5.72
O6 NAG H . 1.02 32.56 -7.11
O7 NAG H . 0.68 25.63 -4.18
C1 THA I . -1.91 -1.59 -13.31
C2 THA I . -1.92 -0.89 -12.12
C3 THA I . -1.11 -1.33 -11.02
C4 THA I . -0.29 -2.46 -11.18
C5 THA I . -0.29 -3.17 -12.44
C6 THA I . -1.09 -2.73 -13.47
N7 THA I . -1.16 -0.57 -9.85
C8 THA I . -0.41 -0.95 -8.80
C9 THA I . 0.46 -2.07 -8.83
C10 THA I . 0.52 -2.84 -10.04
C11 THA I . -0.52 -0.08 -7.56
C12 THA I . -0.09 -0.75 -6.24
C13 THA I . 1.29 -1.38 -6.44
C14 THA I . 1.27 -2.42 -7.62
N15 THA I . 1.32 -3.95 -10.15
C1 GOL J . 18.20 7.67 -7.66
O1 GOL J . 19.60 7.52 -7.69
C2 GOL J . 17.87 8.97 -6.93
O2 GOL J . 17.22 9.85 -7.83
C3 GOL J . 16.97 8.64 -5.74
O3 GOL J . 16.70 9.80 -5.01
S SO4 K . -8.22 15.49 17.10
O1 SO4 K . -7.01 15.89 17.80
O2 SO4 K . -7.94 14.33 16.21
O3 SO4 K . -8.68 16.59 16.27
O4 SO4 K . -9.23 15.15 18.07
S SO4 L . -7.85 -13.95 -0.67
O1 SO4 L . -7.42 -14.49 0.63
O2 SO4 L . -6.91 -14.31 -1.73
O3 SO4 L . -9.17 -14.47 -0.99
O4 SO4 L . -7.92 -12.49 -0.58
CL CL M . -8.74 25.12 -4.96
CL CL N . -17.60 9.21 -10.55
C FPK O . -2.56 -4.07 -4.75
N FPK O . -3.00 -6.38 -5.66
OXT FPK O . -2.35 -3.14 -5.68
CA FPK O . -3.60 -5.24 -5.03
CB FPK O . -4.33 -5.69 -3.83
CC FPK O . -4.63 -7.06 -4.07
CD FPK O . -3.77 -7.54 -5.23
CE FPK O . -1.81 -6.41 -6.59
OE FPK O . -1.18 -5.37 -6.93
O FPK O . -1.92 -3.88 -3.43
UNK UNX P . -2.29 -5.41 -10.31
UNK UNX Q . -1.93 -6.72 -9.99
UNK UNX R . -2.76 -7.63 -10.90
UNK UNX S . -2.44 -9.08 -10.58
UNK UNX T . -3.21 -10.07 -11.44
UNK UNX U . -2.39 -11.35 -11.64
UNK UNX V . -3.23 -12.25 -12.28
#